data_9CBI
#
_entry.id   9CBI
#
_cell.length_a   80.728
_cell.length_b   80.728
_cell.length_c   240.440
_cell.angle_alpha   90.000
_cell.angle_beta   90.000
_cell.angle_gamma   120.000
#
_symmetry.space_group_name_H-M   'P 31 2 1'
#
loop_
_entity.id
_entity.type
_entity.pdbx_description
1 polymer 'Polyamine deacetylase HDAC10'
2 non-polymer 1,2-ETHANEDIOL
3 non-polymer 1-[4-(2-aminoethyl)phenyl]-2-sulfanylethan-1-one
4 non-polymer 'PHOSPHATE ION'
5 non-polymer 'POTASSIUM ION'
6 non-polymer 'ZINC ION'
7 water water
#
_entity_poly.entity_id   1
_entity_poly.type   'polypeptide(L)'
_entity_poly.pdbx_seq_one_letter_code
;AASGSALIFDEEMSRYKLLWTDPECEIEVPERLTVSYEALRTHGLAQRCKAVPVRQATEQEILLAHSEEYLEAVKQTPGM
NVEELMAFSKKYNAVYFHQNIYHCAKLAAGATLQLVDSVMKREVRNGMALVRPPGHHSQRSAANGFCVFNNVAFAALYAK
KNYNLNRILIVDWDVHHGQGIQYCFEEDPSVLYFSWHRYEHQSFWPNLPESDYSSVGKGKGSGFNINLPWNKVGMTNSDY
LAAFFHVLLPVAYEFDPELVIVSAGFDSAIGDPEGEMCALPEIFAHLTHLLMPLAAGKMCVVLEGGYNLTSLGQSVCQTV
HSLLGDPTPRISGLGTACDSALESIQNVRNVQSSYWSSFKHLAQSETNPKRPRLDATNGGPKESSEPASESNPKKTAQDI
VWPEPLKRMPASVRTVVVPPPGVELTLPKNCQHSGDISESTAKEVQRIRDKHFHDLTDQNILRSLGNIISVLDRMMRSDE
VCNGCVVVSDLSVSVQCALQHALTEPAERVLVVYVGDGELPVKTNDGKVFLVQICTKETEDKCVNRLTLCLREGESLTAG
FMQALLGLILPVAYEFNPALVLGIVEETAAKTRLMRVWGHMTCLIQGLARGRMLTLLQGYDKDLLELTVSALSGASISPL
GPLRAPKPEDVEMMEKQRQRLQERWGLLRCTVSESW
;
_entity_poly.pdbx_strand_id   A
#
# COMPACT_ATOMS: atom_id res chain seq x y z
N ALA A 1 5.76 2.34 20.83
CA ALA A 1 5.14 1.17 20.22
C ALA A 1 6.20 0.23 19.65
N ALA A 2 5.77 -0.66 18.77
CA ALA A 2 6.63 -1.69 18.21
C ALA A 2 7.52 -1.12 17.10
N SER A 3 8.62 -1.82 16.84
CA SER A 3 9.53 -1.47 15.76
C SER A 3 10.06 -2.74 15.12
N GLY A 4 10.59 -2.60 13.91
CA GLY A 4 11.17 -3.73 13.21
C GLY A 4 10.18 -4.47 12.34
N SER A 5 10.72 -5.45 11.61
CA SER A 5 9.92 -6.29 10.73
C SER A 5 10.37 -7.74 10.88
N ALA A 6 9.42 -8.66 10.75
CA ALA A 6 9.68 -10.08 10.95
C ALA A 6 9.81 -10.79 9.61
N LEU A 7 10.87 -11.55 9.44
CA LEU A 7 11.07 -12.39 8.26
C LEU A 7 11.05 -13.84 8.71
N ILE A 8 10.03 -14.58 8.29
CA ILE A 8 9.83 -15.95 8.74
C ILE A 8 10.00 -16.86 7.52
N PHE A 9 11.04 -17.68 7.54
CA PHE A 9 11.36 -18.55 6.42
C PHE A 9 12.17 -19.73 6.94
N ASP A 10 11.99 -20.88 6.30
CA ASP A 10 12.77 -22.07 6.64
C ASP A 10 13.02 -22.88 5.38
N GLU A 11 14.24 -23.39 5.25
CA GLU A 11 14.61 -24.22 4.11
C GLU A 11 13.75 -25.47 3.98
N GLU A 12 13.15 -25.93 5.09
CA GLU A 12 12.39 -27.17 5.06
C GLU A 12 11.20 -27.09 4.12
N MET A 13 10.56 -25.92 4.01
CA MET A 13 9.43 -25.79 3.10
C MET A 13 9.85 -25.82 1.63
N SER A 14 11.15 -25.91 1.35
CA SER A 14 11.62 -26.15 -0.02
C SER A 14 11.93 -27.63 -0.24
N ARG A 15 11.58 -28.49 0.69
CA ARG A 15 11.90 -29.92 0.62
C ARG A 15 10.66 -30.74 0.23
N TYR A 16 9.94 -30.27 -0.78
CA TYR A 16 8.89 -31.04 -1.44
C TYR A 16 8.76 -30.51 -2.85
N LYS A 17 8.51 -31.41 -3.80
CA LYS A 17 8.46 -31.02 -5.20
C LYS A 17 7.56 -31.99 -5.95
N LEU A 18 7.19 -31.58 -7.16
CA LEU A 18 6.40 -32.45 -8.04
C LEU A 18 7.23 -33.64 -8.50
N LEU A 19 6.69 -34.84 -8.28
CA LEU A 19 7.42 -36.07 -8.55
C LEU A 19 7.02 -36.76 -9.85
N TRP A 20 6.15 -36.15 -10.65
CA TRP A 20 5.74 -36.74 -11.91
C TRP A 20 5.49 -35.62 -12.91
N THR A 21 5.41 -35.99 -14.19
CA THR A 21 5.16 -35.01 -15.25
C THR A 21 3.73 -34.51 -15.14
N ASP A 22 3.58 -33.23 -14.82
CA ASP A 22 2.27 -32.59 -14.71
C ASP A 22 2.42 -31.17 -15.25
N PRO A 23 2.04 -30.91 -16.50
CA PRO A 23 2.23 -29.57 -17.07
C PRO A 23 1.48 -28.48 -16.34
N GLU A 24 0.44 -28.82 -15.58
CA GLU A 24 -0.32 -27.80 -14.85
C GLU A 24 0.43 -27.33 -13.60
N CYS A 25 1.28 -28.17 -13.01
CA CYS A 25 1.96 -27.86 -11.76
C CYS A 25 3.46 -27.70 -11.90
N GLU A 26 4.01 -27.75 -13.12
CA GLU A 26 5.46 -27.70 -13.29
C GLU A 26 6.07 -26.39 -12.81
N ILE A 27 5.26 -25.35 -12.64
CA ILE A 27 5.80 -24.04 -12.26
C ILE A 27 6.09 -23.95 -10.78
N GLU A 28 5.30 -24.64 -9.95
CA GLU A 28 5.40 -24.51 -8.49
C GLU A 28 6.59 -25.34 -8.02
N VAL A 29 7.73 -24.68 -7.85
CA VAL A 29 9.00 -25.37 -7.62
C VAL A 29 9.54 -24.92 -6.26
N PRO A 30 10.39 -25.74 -5.64
CA PRO A 30 11.02 -25.31 -4.38
C PRO A 30 11.87 -24.08 -4.54
N GLU A 31 12.53 -23.91 -5.70
CA GLU A 31 13.42 -22.77 -5.92
C GLU A 31 12.73 -21.44 -5.62
N ARG A 32 11.41 -21.38 -5.77
CA ARG A 32 10.67 -20.16 -5.46
C ARG A 32 11.06 -19.60 -4.11
N LEU A 33 11.14 -20.46 -3.08
CA LEU A 33 11.61 -20.01 -1.78
C LEU A 33 13.06 -19.57 -1.85
N THR A 34 13.93 -20.46 -2.34
CA THR A 34 15.37 -20.25 -2.35
C THR A 34 15.70 -18.88 -2.91
N VAL A 35 15.46 -18.72 -4.22
CA VAL A 35 15.63 -17.46 -4.93
C VAL A 35 15.14 -16.31 -4.06
N SER A 36 13.88 -16.39 -3.62
CA SER A 36 13.28 -15.32 -2.83
C SER A 36 14.19 -14.93 -1.68
N TYR A 37 14.49 -15.89 -0.80
CA TYR A 37 15.31 -15.58 0.36
C TYR A 37 16.66 -15.03 -0.07
N GLU A 38 17.27 -15.65 -1.08
CA GLU A 38 18.59 -15.20 -1.49
C GLU A 38 18.53 -13.76 -1.99
N ALA A 39 17.44 -13.40 -2.67
CA ALA A 39 17.25 -12.01 -3.08
C ALA A 39 17.35 -11.10 -1.86
N LEU A 40 16.56 -11.41 -0.82
CA LEU A 40 16.60 -10.60 0.39
C LEU A 40 17.99 -10.57 1.01
N ARG A 41 18.75 -11.66 0.87
CA ARG A 41 20.09 -11.65 1.44
C ARG A 41 21.06 -10.87 0.58
N THR A 42 20.87 -10.84 -0.73
CA THR A 42 21.83 -10.17 -1.59
C THR A 42 21.75 -8.66 -1.41
N HIS A 43 20.54 -8.12 -1.30
CA HIS A 43 20.34 -6.69 -1.11
C HIS A 43 20.35 -6.27 0.36
N GLY A 44 20.50 -7.22 1.28
CA GLY A 44 20.65 -6.88 2.68
C GLY A 44 19.38 -6.60 3.44
N LEU A 45 18.25 -7.14 2.99
CA LEU A 45 17.01 -6.94 3.74
C LEU A 45 16.78 -8.03 4.79
N ALA A 46 17.13 -9.28 4.46
CA ALA A 46 16.92 -10.38 5.39
C ALA A 46 17.66 -10.16 6.70
N GLN A 47 18.84 -9.54 6.65
CA GLN A 47 19.62 -9.29 7.85
C GLN A 47 19.03 -8.18 8.70
N ARG A 48 18.17 -7.33 8.14
CA ARG A 48 17.58 -6.22 8.86
C ARG A 48 16.23 -6.56 9.49
N CYS A 49 15.71 -7.76 9.27
CA CYS A 49 14.44 -8.18 9.84
C CYS A 49 14.68 -9.12 11.02
N LYS A 50 13.75 -9.08 11.98
CA LYS A 50 13.76 -10.04 13.08
C LYS A 50 13.36 -11.41 12.56
N ALA A 51 14.25 -12.39 12.73
CA ALA A 51 14.02 -13.73 12.19
C ALA A 51 13.24 -14.55 13.22
N VAL A 52 11.93 -14.65 13.02
CA VAL A 52 11.09 -15.47 13.89
C VAL A 52 11.07 -16.88 13.32
N PRO A 53 11.35 -17.90 14.13
CA PRO A 53 11.40 -19.27 13.60
C PRO A 53 10.01 -19.81 13.29
N VAL A 54 9.99 -20.85 12.46
CA VAL A 54 8.74 -21.48 12.07
C VAL A 54 8.30 -22.46 13.14
N ARG A 55 7.00 -22.79 13.13
CA ARG A 55 6.47 -23.86 13.95
C ARG A 55 5.39 -24.58 13.16
N GLN A 56 5.02 -25.77 13.63
CA GLN A 56 3.88 -26.48 13.07
C GLN A 56 2.59 -25.89 13.61
N ALA A 57 1.59 -25.77 12.74
CA ALA A 57 0.25 -25.44 13.21
C ALA A 57 -0.36 -26.66 13.90
N THR A 58 -0.98 -26.44 15.05
CA THR A 58 -1.58 -27.55 15.78
C THR A 58 -2.83 -28.05 15.06
N GLU A 59 -3.30 -29.22 15.49
CA GLU A 59 -4.48 -29.82 14.88
C GLU A 59 -5.71 -28.93 15.02
N GLN A 60 -5.90 -28.33 16.19
CA GLN A 60 -7.06 -27.46 16.40
C GLN A 60 -6.96 -26.20 15.55
N GLU A 61 -5.76 -25.62 15.47
CA GLU A 61 -5.56 -24.46 14.59
C GLU A 61 -5.91 -24.81 13.15
N ILE A 62 -5.57 -26.02 12.71
CA ILE A 62 -5.93 -26.45 11.36
C ILE A 62 -7.44 -26.62 11.24
N LEU A 63 -8.08 -27.15 12.28
CA LEU A 63 -9.53 -27.32 12.26
C LEU A 63 -10.28 -26.00 12.35
N LEU A 64 -9.59 -24.89 12.64
CA LEU A 64 -10.24 -23.58 12.56
C LEU A 64 -10.85 -23.35 11.18
N ALA A 65 -10.20 -23.84 10.12
CA ALA A 65 -10.62 -23.54 8.76
C ALA A 65 -10.85 -24.78 7.89
N HIS A 66 -10.55 -25.98 8.37
CA HIS A 66 -10.73 -27.20 7.59
C HIS A 66 -11.47 -28.24 8.42
N SER A 67 -11.97 -29.26 7.74
CA SER A 67 -12.75 -30.30 8.38
C SER A 67 -11.86 -31.47 8.79
N GLU A 68 -12.36 -32.25 9.76
CA GLU A 68 -11.58 -33.36 10.30
C GLU A 68 -11.30 -34.40 9.22
N GLU A 69 -12.25 -34.61 8.30
CA GLU A 69 -12.07 -35.63 7.27
C GLU A 69 -10.95 -35.28 6.31
N TYR A 70 -10.94 -34.04 5.83
CA TYR A 70 -9.88 -33.60 4.91
C TYR A 70 -8.53 -33.57 5.62
N LEU A 71 -8.51 -33.14 6.88
CA LEU A 71 -7.27 -33.16 7.65
C LEU A 71 -6.73 -34.58 7.78
N GLU A 72 -7.62 -35.55 8.05
CA GLU A 72 -7.19 -36.94 8.13
C GLU A 72 -6.65 -37.44 6.80
N ALA A 73 -7.36 -37.13 5.71
CA ALA A 73 -6.91 -37.56 4.39
C ALA A 73 -5.51 -37.03 4.09
N VAL A 74 -5.26 -35.76 4.40
CA VAL A 74 -3.93 -35.19 4.16
C VAL A 74 -2.91 -35.81 5.11
N LYS A 75 -3.30 -36.06 6.36
CA LYS A 75 -2.41 -36.71 7.32
C LYS A 75 -1.95 -38.06 6.82
N GLN A 76 -2.78 -38.74 6.03
CA GLN A 76 -2.38 -40.04 5.48
C GLN A 76 -1.23 -39.93 4.47
N THR A 77 -1.02 -38.76 3.85
CA THR A 77 -0.15 -38.66 2.68
C THR A 77 1.32 -38.95 2.93
N PRO A 78 1.93 -38.53 4.06
CA PRO A 78 3.36 -38.83 4.26
C PRO A 78 3.68 -40.32 4.27
N GLY A 79 2.68 -41.19 4.37
CA GLY A 79 2.89 -42.62 4.31
C GLY A 79 2.69 -43.26 2.95
N MET A 80 2.36 -42.48 1.92
CA MET A 80 2.08 -43.01 0.60
C MET A 80 3.34 -43.04 -0.26
N ASN A 81 3.30 -43.88 -1.31
CA ASN A 81 4.33 -43.90 -2.32
C ASN A 81 3.88 -43.08 -3.52
N VAL A 82 4.63 -43.17 -4.62
CA VAL A 82 4.42 -42.24 -5.73
C VAL A 82 3.08 -42.50 -6.42
N GLU A 83 2.72 -43.77 -6.63
CA GLU A 83 1.44 -44.07 -7.26
C GLU A 83 0.29 -43.57 -6.40
N GLU A 84 0.36 -43.84 -5.08
CA GLU A 84 -0.70 -43.42 -4.18
C GLU A 84 -0.78 -41.90 -4.09
N LEU A 85 0.38 -41.23 -4.07
CA LEU A 85 0.38 -39.77 -4.06
C LEU A 85 -0.23 -39.22 -5.34
N MET A 86 0.06 -39.85 -6.49
CA MET A 86 -0.48 -39.37 -7.75
C MET A 86 -1.99 -39.56 -7.82
N ALA A 87 -2.49 -40.69 -7.32
CA ALA A 87 -3.94 -40.90 -7.26
C ALA A 87 -4.60 -39.87 -6.36
N PHE A 88 -4.04 -39.67 -5.16
CA PHE A 88 -4.59 -38.70 -4.22
C PHE A 88 -4.60 -37.30 -4.85
N SER A 89 -3.55 -36.94 -5.58
CA SER A 89 -3.52 -35.65 -6.25
C SER A 89 -4.59 -35.57 -7.34
N LYS A 90 -4.75 -36.65 -8.11
CA LYS A 90 -5.80 -36.69 -9.13
C LYS A 90 -7.18 -36.52 -8.52
N LYS A 91 -7.35 -36.84 -7.24
CA LYS A 91 -8.63 -36.58 -6.60
C LYS A 91 -8.98 -35.09 -6.50
N TYR A 92 -8.01 -34.20 -6.69
CA TYR A 92 -8.22 -32.75 -6.58
C TYR A 92 -7.81 -32.06 -7.88
N ASN A 93 -7.91 -30.74 -7.89
CA ASN A 93 -7.71 -29.93 -9.09
C ASN A 93 -6.46 -29.08 -8.96
N ALA A 94 -5.52 -29.26 -9.88
CA ALA A 94 -4.33 -28.41 -10.01
C ALA A 94 -3.47 -28.43 -8.74
N VAL A 95 -3.30 -29.61 -8.16
CA VAL A 95 -2.48 -29.78 -6.97
C VAL A 95 -1.75 -31.10 -7.05
N TYR A 96 -0.58 -31.16 -6.43
CA TYR A 96 0.21 -32.38 -6.33
C TYR A 96 0.63 -32.59 -4.88
N PHE A 97 0.80 -33.85 -4.51
CA PHE A 97 1.20 -34.21 -3.17
C PHE A 97 2.57 -34.87 -3.17
N HIS A 98 3.19 -34.84 -1.99
CA HIS A 98 4.55 -35.30 -1.78
C HIS A 98 4.66 -35.76 -0.34
N GLN A 99 5.59 -36.69 -0.07
CA GLN A 99 5.68 -37.28 1.26
C GLN A 99 5.87 -36.21 2.35
N ASN A 100 6.50 -35.09 1.99
CA ASN A 100 6.81 -34.04 2.95
C ASN A 100 5.83 -32.88 2.91
N ILE A 101 4.83 -32.91 2.03
CA ILE A 101 4.02 -31.72 1.80
C ILE A 101 3.05 -31.46 2.95
N TYR A 102 2.62 -32.52 3.66
CA TYR A 102 1.82 -32.30 4.86
C TYR A 102 2.62 -31.58 5.92
N HIS A 103 3.86 -32.03 6.14
CA HIS A 103 4.77 -31.36 7.06
C HIS A 103 4.97 -29.91 6.66
N CYS A 104 5.29 -29.67 5.38
CA CYS A 104 5.56 -28.31 4.93
C CYS A 104 4.32 -27.43 5.01
N ALA A 105 3.13 -28.00 4.81
CA ALA A 105 1.91 -27.21 4.89
C ALA A 105 1.61 -26.83 6.33
N LYS A 106 1.80 -27.76 7.27
CA LYS A 106 1.72 -27.40 8.68
C LYS A 106 2.73 -26.31 9.02
N LEU A 107 3.93 -26.39 8.43
CA LEU A 107 4.94 -25.36 8.69
C LEU A 107 4.54 -24.01 8.09
N ALA A 108 3.91 -24.02 6.91
CA ALA A 108 3.48 -22.76 6.30
C ALA A 108 2.39 -22.09 7.13
N ALA A 109 1.38 -22.87 7.54
CA ALA A 109 0.34 -22.33 8.41
C ALA A 109 0.93 -21.84 9.73
N GLY A 110 1.84 -22.61 10.32
CA GLY A 110 2.45 -22.21 11.56
C GLY A 110 3.31 -20.96 11.45
N ALA A 111 4.01 -20.80 10.32
CA ALA A 111 4.77 -19.57 10.10
C ALA A 111 3.85 -18.37 9.96
N THR A 112 2.72 -18.56 9.27
CA THR A 112 1.73 -17.50 9.21
C THR A 112 1.25 -17.11 10.61
N LEU A 113 0.97 -18.11 11.45
CA LEU A 113 0.51 -17.83 12.81
C LEU A 113 1.60 -17.19 13.64
N GLN A 114 2.86 -17.58 13.43
CA GLN A 114 3.98 -16.93 14.11
C GLN A 114 4.07 -15.46 13.74
N LEU A 115 3.87 -15.15 12.46
CA LEU A 115 3.85 -13.75 12.02
C LEU A 115 2.72 -12.98 12.68
N VAL A 116 1.53 -13.58 12.72
CA VAL A 116 0.39 -12.93 13.36
C VAL A 116 0.68 -12.66 14.83
N ASP A 117 1.27 -13.64 15.52
CA ASP A 117 1.59 -13.45 16.93
C ASP A 117 2.65 -12.37 17.12
N SER A 118 3.66 -12.35 16.26
CA SER A 118 4.70 -11.32 16.36
C SER A 118 4.12 -9.93 16.17
N VAL A 119 3.21 -9.78 15.22
CA VAL A 119 2.64 -8.45 14.94
C VAL A 119 1.68 -8.03 16.04
N MET A 120 0.78 -8.92 16.44
CA MET A 120 -0.23 -8.55 17.42
C MET A 120 0.33 -8.40 18.84
N LYS A 121 1.44 -9.05 19.15
CA LYS A 121 2.08 -8.88 20.45
C LYS A 121 3.02 -7.69 20.49
N ARG A 122 2.99 -6.83 19.48
CA ARG A 122 3.80 -5.61 19.41
C ARG A 122 5.30 -5.93 19.50
N GLU A 123 5.69 -7.14 19.10
CA GLU A 123 7.10 -7.48 19.06
C GLU A 123 7.79 -6.95 17.81
N VAL A 124 7.03 -6.78 16.73
CA VAL A 124 7.50 -6.14 15.50
C VAL A 124 6.36 -5.29 14.95
N ARG A 125 6.73 -4.32 14.12
CA ARG A 125 5.71 -3.46 13.51
C ARG A 125 4.94 -4.20 12.44
N ASN A 126 5.62 -5.02 11.63
CA ASN A 126 5.02 -5.78 10.56
C ASN A 126 5.93 -6.96 10.25
N GLY A 127 5.70 -7.62 9.12
CA GLY A 127 6.56 -8.72 8.75
C GLY A 127 6.02 -9.50 7.57
N MET A 128 6.86 -10.41 7.08
CA MET A 128 6.54 -11.23 5.91
C MET A 128 6.94 -12.67 6.17
N ALA A 129 6.14 -13.60 5.66
CA ALA A 129 6.38 -15.03 5.80
C ALA A 129 6.61 -15.62 4.41
N LEU A 130 7.85 -16.04 4.14
CA LEU A 130 8.17 -16.75 2.90
C LEU A 130 7.79 -18.22 3.08
N VAL A 131 6.60 -18.58 2.60
CA VAL A 131 6.04 -19.89 2.88
C VAL A 131 5.76 -20.64 1.58
N ARG A 132 5.59 -21.94 1.73
CA ARG A 132 5.23 -22.87 0.68
C ARG A 132 4.70 -24.14 1.36
N PRO A 133 3.55 -24.67 0.94
CA PRO A 133 2.68 -24.27 -0.18
C PRO A 133 1.87 -23.01 0.08
N PRO A 134 1.36 -22.36 -0.98
CA PRO A 134 0.43 -21.24 -0.78
C PRO A 134 -0.88 -21.72 -0.18
N GLY A 135 -1.83 -20.82 0.05
CA GLY A 135 -3.02 -21.22 0.77
C GLY A 135 -4.36 -20.74 0.22
N HIS A 136 -4.38 -19.62 -0.50
CA HIS A 136 -5.64 -18.92 -0.72
C HIS A 136 -6.63 -19.69 -1.60
N HIS A 137 -6.23 -20.78 -2.23
CA HIS A 137 -7.16 -21.57 -3.02
C HIS A 137 -7.75 -22.75 -2.26
N SER A 138 -7.09 -23.23 -1.21
CA SER A 138 -7.58 -24.39 -0.49
C SER A 138 -8.86 -24.05 0.27
N GLN A 139 -9.74 -25.04 0.38
CA GLN A 139 -11.07 -24.88 0.94
C GLN A 139 -11.22 -25.83 2.13
N ARG A 140 -12.41 -25.83 2.74
N ARG A 140 -12.42 -25.84 2.72
CA ARG A 140 -12.58 -26.53 4.01
CA ARG A 140 -12.61 -26.52 4.00
C ARG A 140 -12.28 -28.01 3.86
C ARG A 140 -12.32 -28.01 3.88
N SER A 141 -12.65 -28.61 2.73
CA SER A 141 -12.45 -30.05 2.53
C SER A 141 -11.76 -30.36 1.20
N ALA A 142 -10.91 -29.46 0.72
CA ALA A 142 -10.30 -29.69 -0.58
C ALA A 142 -8.97 -28.95 -0.69
N ALA A 143 -7.97 -29.62 -1.25
CA ALA A 143 -6.78 -28.95 -1.75
C ALA A 143 -7.05 -28.44 -3.16
N ASN A 144 -6.46 -27.30 -3.48
CA ASN A 144 -6.79 -26.65 -4.75
C ASN A 144 -5.69 -25.66 -5.12
N GLY A 145 -5.38 -25.59 -6.41
CA GLY A 145 -4.44 -24.62 -6.94
C GLY A 145 -3.14 -24.48 -6.18
N PHE A 146 -2.37 -25.57 -6.08
CA PHE A 146 -1.10 -25.68 -5.38
C PHE A 146 -1.22 -25.50 -3.87
N CYS A 147 -2.43 -25.36 -3.33
CA CYS A 147 -2.62 -25.06 -1.92
C CYS A 147 -3.17 -26.27 -1.18
N VAL A 148 -2.68 -26.48 0.03
CA VAL A 148 -3.13 -27.56 0.90
C VAL A 148 -3.99 -27.03 2.04
N PHE A 149 -3.45 -26.14 2.85
CA PHE A 149 -4.19 -25.45 3.89
C PHE A 149 -4.19 -23.95 3.59
N ASN A 150 -5.23 -23.26 4.05
CA ASN A 150 -5.39 -21.84 3.74
C ASN A 150 -4.70 -21.02 4.81
N ASN A 151 -3.48 -20.56 4.51
CA ASN A 151 -2.66 -19.86 5.49
C ASN A 151 -3.29 -18.55 5.93
N VAL A 152 -3.78 -17.76 4.97
CA VAL A 152 -4.29 -16.43 5.29
C VAL A 152 -5.62 -16.52 6.04
N ALA A 153 -6.48 -17.47 5.65
CA ALA A 153 -7.70 -17.69 6.41
C ALA A 153 -7.38 -18.15 7.82
N PHE A 154 -6.36 -19.00 7.97
CA PHE A 154 -5.85 -19.36 9.30
C PHE A 154 -5.49 -18.13 10.09
N ALA A 155 -4.71 -17.23 9.49
CA ALA A 155 -4.26 -16.03 10.19
C ALA A 155 -5.44 -15.18 10.64
N ALA A 156 -6.43 -15.00 9.76
CA ALA A 156 -7.59 -14.19 10.11
C ALA A 156 -8.38 -14.81 11.26
N LEU A 157 -8.73 -16.10 11.13
CA LEU A 157 -9.49 -16.77 12.18
C LEU A 157 -8.71 -16.79 13.50
N TYR A 158 -7.40 -16.95 13.42
CA TYR A 158 -6.56 -17.02 14.62
C TYR A 158 -6.50 -15.68 15.32
N ALA A 159 -6.33 -14.60 14.55
CA ALA A 159 -6.37 -13.26 15.14
C ALA A 159 -7.73 -13.01 15.79
N LYS A 160 -8.81 -13.38 15.11
CA LYS A 160 -10.15 -13.21 15.68
C LYS A 160 -10.28 -13.96 17.01
N LYS A 161 -9.82 -15.20 17.05
CA LYS A 161 -10.07 -16.03 18.24
C LYS A 161 -9.18 -15.62 19.40
N ASN A 162 -7.93 -15.25 19.13
CA ASN A 162 -6.97 -15.04 20.21
C ASN A 162 -6.71 -13.58 20.55
N TYR A 163 -7.25 -12.63 19.78
CA TYR A 163 -7.05 -11.22 20.10
C TYR A 163 -8.34 -10.41 20.10
N ASN A 164 -9.49 -11.07 19.96
CA ASN A 164 -10.80 -10.41 20.02
C ASN A 164 -10.88 -9.27 19.01
N LEU A 165 -10.31 -9.49 17.83
CA LEU A 165 -10.36 -8.49 16.78
C LEU A 165 -11.73 -8.47 16.13
N ASN A 166 -12.23 -7.26 15.86
CA ASN A 166 -13.54 -7.08 15.25
C ASN A 166 -13.47 -6.83 13.74
N ARG A 167 -12.34 -6.33 13.22
CA ARG A 167 -12.24 -5.95 11.82
C ARG A 167 -10.85 -6.30 11.30
N ILE A 168 -10.80 -7.16 10.29
CA ILE A 168 -9.56 -7.59 9.66
C ILE A 168 -9.70 -7.43 8.16
N LEU A 169 -8.73 -6.76 7.54
CA LEU A 169 -8.70 -6.61 6.09
C LEU A 169 -7.74 -7.64 5.49
N ILE A 170 -8.17 -8.33 4.44
CA ILE A 170 -7.33 -9.21 3.66
C ILE A 170 -7.24 -8.65 2.25
N VAL A 171 -6.02 -8.51 1.74
CA VAL A 171 -5.77 -7.98 0.40
C VAL A 171 -5.08 -9.08 -0.39
N ASP A 172 -5.75 -9.58 -1.43
CA ASP A 172 -5.23 -10.66 -2.28
C ASP A 172 -4.86 -10.04 -3.64
N TRP A 173 -3.56 -9.71 -3.77
CA TRP A 173 -3.02 -9.21 -5.02
C TRP A 173 -2.33 -10.31 -5.83
N ASP A 174 -2.50 -11.57 -5.44
CA ASP A 174 -2.18 -12.67 -6.33
C ASP A 174 -3.04 -12.56 -7.59
N VAL A 175 -2.50 -13.04 -8.72
CA VAL A 175 -3.21 -12.93 -9.98
C VAL A 175 -4.39 -13.88 -10.07
N HIS A 176 -4.49 -14.84 -9.16
CA HIS A 176 -5.63 -15.75 -9.11
C HIS A 176 -6.59 -15.35 -8.00
N HIS A 177 -7.84 -15.75 -8.18
CA HIS A 177 -8.86 -15.46 -7.18
C HIS A 177 -8.76 -16.44 -6.03
N GLY A 178 -8.45 -15.93 -4.84
CA GLY A 178 -8.40 -16.77 -3.66
C GLY A 178 -9.78 -17.17 -3.20
N GLN A 179 -10.44 -18.05 -3.96
CA GLN A 179 -11.82 -18.42 -3.65
C GLN A 179 -11.95 -19.13 -2.31
N GLY A 180 -10.87 -19.73 -1.80
CA GLY A 180 -10.93 -20.34 -0.48
C GLY A 180 -11.19 -19.32 0.61
N ILE A 181 -10.52 -18.18 0.54
CA ILE A 181 -10.74 -17.13 1.54
C ILE A 181 -12.15 -16.57 1.41
N GLN A 182 -12.60 -16.30 0.19
CA GLN A 182 -13.96 -15.82 -0.02
C GLN A 182 -14.98 -16.78 0.57
N TYR A 183 -14.86 -18.07 0.25
CA TYR A 183 -15.74 -19.07 0.84
C TYR A 183 -15.68 -19.03 2.36
N CYS A 184 -14.48 -18.85 2.90
CA CYS A 184 -14.31 -18.90 4.35
C CYS A 184 -15.00 -17.72 5.04
N PHE A 185 -15.06 -16.55 4.39
CA PHE A 185 -15.56 -15.35 5.06
C PHE A 185 -16.69 -14.66 4.31
N GLU A 186 -17.38 -15.34 3.39
CA GLU A 186 -18.38 -14.65 2.58
C GLU A 186 -19.56 -14.16 3.42
N GLU A 187 -19.87 -14.84 4.51
CA GLU A 187 -20.93 -14.42 5.40
C GLU A 187 -20.41 -13.65 6.62
N ASP A 188 -19.12 -13.35 6.65
CA ASP A 188 -18.50 -12.76 7.83
C ASP A 188 -18.21 -11.28 7.58
N PRO A 189 -18.89 -10.37 8.27
CA PRO A 189 -18.59 -8.94 8.11
C PRO A 189 -17.35 -8.48 8.87
N SER A 190 -16.77 -9.33 9.71
CA SER A 190 -15.57 -8.94 10.46
C SER A 190 -14.29 -9.08 9.64
N VAL A 191 -14.34 -9.81 8.53
CA VAL A 191 -13.17 -10.05 7.69
C VAL A 191 -13.52 -9.54 6.30
N LEU A 192 -13.00 -8.37 5.95
CA LEU A 192 -13.22 -7.77 4.63
C LEU A 192 -12.16 -8.29 3.67
N TYR A 193 -12.59 -9.07 2.67
CA TYR A 193 -11.70 -9.68 1.71
C TYR A 193 -11.77 -8.93 0.38
N PHE A 194 -10.66 -8.33 -0.04
CA PHE A 194 -10.51 -7.76 -1.36
C PHE A 194 -9.58 -8.64 -2.16
N SER A 195 -9.93 -8.90 -3.41
CA SER A 195 -9.09 -9.67 -4.31
C SER A 195 -9.16 -9.07 -5.70
N TRP A 196 -8.01 -8.99 -6.37
CA TRP A 196 -8.03 -8.76 -7.80
C TRP A 196 -7.47 -9.98 -8.50
N HIS A 197 -7.96 -10.25 -9.71
CA HIS A 197 -7.55 -11.51 -10.34
C HIS A 197 -7.82 -11.51 -11.82
N ARG A 198 -6.93 -12.15 -12.57
CA ARG A 198 -7.18 -12.43 -13.98
C ARG A 198 -8.43 -13.28 -14.12
N TYR A 199 -9.34 -12.87 -15.00
CA TYR A 199 -10.64 -13.50 -15.11
C TYR A 199 -10.96 -13.84 -16.57
N GLU A 200 -10.75 -12.88 -17.47
CA GLU A 200 -11.02 -13.05 -18.90
C GLU A 200 -12.43 -13.59 -19.12
N HIS A 201 -13.40 -12.96 -18.44
CA HIS A 201 -14.82 -13.27 -18.59
C HIS A 201 -15.10 -14.72 -18.24
N GLN A 202 -14.52 -15.18 -17.13
CA GLN A 202 -14.67 -16.50 -16.52
C GLN A 202 -13.87 -17.57 -17.29
N SER A 203 -13.14 -17.21 -18.34
CA SER A 203 -12.43 -18.23 -19.12
C SER A 203 -11.10 -18.62 -18.49
N PHE A 204 -10.62 -17.91 -17.48
CA PHE A 204 -9.34 -18.21 -16.85
C PHE A 204 -9.56 -18.93 -15.52
N TRP A 205 -8.62 -19.81 -15.20
CA TRP A 205 -8.72 -20.61 -13.99
C TRP A 205 -8.82 -19.70 -12.76
N PRO A 206 -9.65 -20.04 -11.76
CA PRO A 206 -10.47 -21.27 -11.61
C PRO A 206 -11.85 -21.27 -12.26
N ASN A 207 -12.14 -20.38 -13.22
CA ASN A 207 -13.35 -20.46 -14.03
C ASN A 207 -14.63 -20.45 -13.19
N LEU A 208 -14.66 -19.59 -12.17
CA LEU A 208 -15.84 -19.58 -11.31
C LEU A 208 -16.70 -18.34 -11.56
N PRO A 209 -18.03 -18.51 -11.65
CA PRO A 209 -18.90 -17.33 -11.77
C PRO A 209 -18.85 -16.44 -10.55
N GLU A 210 -18.68 -17.00 -9.35
CA GLU A 210 -18.63 -16.21 -8.12
C GLU A 210 -17.30 -15.51 -7.91
N SER A 211 -16.37 -15.61 -8.86
CA SER A 211 -15.18 -14.78 -8.86
C SER A 211 -15.42 -13.41 -9.45
N ASP A 212 -16.63 -13.16 -9.95
CA ASP A 212 -16.97 -11.94 -10.67
C ASP A 212 -17.29 -10.81 -9.69
N TYR A 213 -17.46 -9.61 -10.25
CA TYR A 213 -17.69 -8.43 -9.42
C TYR A 213 -19.00 -8.49 -8.66
N SER A 214 -19.96 -9.31 -9.09
CA SER A 214 -21.26 -9.36 -8.44
C SER A 214 -21.27 -10.18 -7.15
N SER A 215 -20.16 -10.83 -6.80
CA SER A 215 -20.05 -11.55 -5.54
C SER A 215 -19.61 -10.56 -4.47
N VAL A 216 -20.56 -10.09 -3.66
CA VAL A 216 -20.32 -9.07 -2.66
C VAL A 216 -20.40 -9.63 -1.25
N GLY A 217 -20.54 -10.94 -1.11
CA GLY A 217 -20.77 -11.53 0.19
C GLY A 217 -22.24 -11.86 0.40
N LYS A 218 -22.49 -12.87 1.23
CA LYS A 218 -23.83 -13.38 1.45
C LYS A 218 -24.28 -13.09 2.87
N GLY A 219 -25.55 -12.72 3.02
CA GLY A 219 -26.11 -12.52 4.36
C GLY A 219 -25.52 -11.30 5.03
N LYS A 220 -25.07 -11.47 6.28
CA LYS A 220 -24.53 -10.36 7.05
C LYS A 220 -23.21 -9.85 6.50
N GLY A 221 -22.55 -10.61 5.63
CA GLY A 221 -21.30 -10.20 5.05
C GLY A 221 -21.40 -9.49 3.72
N SER A 222 -22.61 -9.10 3.31
CA SER A 222 -22.78 -8.42 2.03
C SER A 222 -22.05 -7.07 2.04
N GLY A 223 -21.18 -6.88 1.07
CA GLY A 223 -20.34 -5.70 1.00
C GLY A 223 -18.95 -5.89 1.57
N PHE A 224 -18.66 -7.04 2.17
CA PHE A 224 -17.35 -7.33 2.74
C PHE A 224 -16.56 -8.35 1.93
N ASN A 225 -16.95 -8.55 0.66
CA ASN A 225 -16.18 -9.35 -0.28
C ASN A 225 -16.15 -8.59 -1.60
N ILE A 226 -14.96 -8.18 -2.03
CA ILE A 226 -14.80 -7.31 -3.20
C ILE A 226 -13.90 -8.02 -4.20
N ASN A 227 -14.50 -8.49 -5.29
CA ASN A 227 -13.77 -9.11 -6.40
C ASN A 227 -13.57 -8.09 -7.51
N LEU A 228 -12.34 -7.97 -7.99
CA LEU A 228 -12.02 -7.12 -9.15
C LEU A 228 -11.45 -8.00 -10.25
N PRO A 229 -12.25 -8.31 -11.26
CA PRO A 229 -11.76 -9.19 -12.33
C PRO A 229 -11.11 -8.44 -13.47
N TRP A 230 -9.85 -8.74 -13.75
CA TRP A 230 -9.22 -8.32 -14.99
C TRP A 230 -9.73 -9.21 -16.11
N ASN A 231 -10.39 -8.62 -17.09
CA ASN A 231 -10.90 -9.38 -18.23
C ASN A 231 -9.99 -9.28 -19.44
N LYS A 232 -8.79 -8.74 -19.26
CA LYS A 232 -7.77 -8.71 -20.30
C LYS A 232 -6.41 -8.83 -19.62
N VAL A 233 -5.44 -9.39 -20.35
CA VAL A 233 -4.09 -9.51 -19.82
C VAL A 233 -3.36 -8.20 -20.04
N GLY A 234 -2.08 -8.15 -19.66
CA GLY A 234 -1.29 -6.95 -19.90
C GLY A 234 -1.58 -5.79 -18.99
N MET A 235 -2.20 -6.02 -17.83
CA MET A 235 -2.50 -4.93 -16.91
C MET A 235 -1.21 -4.33 -16.37
N THR A 236 -1.20 -3.00 -16.26
CA THR A 236 0.00 -2.23 -15.97
C THR A 236 -0.05 -1.66 -14.57
N ASN A 237 0.98 -0.89 -14.22
CA ASN A 237 1.02 -0.19 -12.94
C ASN A 237 -0.19 0.74 -12.81
N SER A 238 -0.61 1.36 -13.91
CA SER A 238 -1.73 2.29 -13.86
C SER A 238 -3.02 1.58 -13.47
N ASP A 239 -3.26 0.39 -14.04
CA ASP A 239 -4.47 -0.35 -13.68
C ASP A 239 -4.47 -0.72 -12.20
N TYR A 240 -3.33 -1.21 -11.70
CA TYR A 240 -3.23 -1.61 -10.30
C TYR A 240 -3.44 -0.41 -9.38
N LEU A 241 -2.80 0.72 -9.69
CA LEU A 241 -2.92 1.88 -8.82
C LEU A 241 -4.33 2.48 -8.87
N ALA A 242 -4.97 2.46 -10.05
CA ALA A 242 -6.34 2.93 -10.14
C ALA A 242 -7.28 2.02 -9.35
N ALA A 243 -7.02 0.71 -9.37
CA ALA A 243 -7.78 -0.22 -8.55
C ALA A 243 -7.63 0.11 -7.07
N PHE A 244 -6.40 0.38 -6.64
CA PHE A 244 -6.17 0.73 -5.24
C PHE A 244 -6.88 2.04 -4.88
N PHE A 245 -6.75 3.06 -5.73
CA PHE A 245 -7.24 4.40 -5.39
C PHE A 245 -8.76 4.47 -5.41
N HIS A 246 -9.40 3.81 -6.38
CA HIS A 246 -10.84 4.00 -6.59
C HIS A 246 -11.68 2.82 -6.11
N VAL A 247 -11.06 1.77 -5.55
CA VAL A 247 -11.82 0.64 -5.04
C VAL A 247 -11.32 0.26 -3.65
N LEU A 248 -10.06 -0.18 -3.56
CA LEU A 248 -9.59 -0.80 -2.33
C LEU A 248 -9.41 0.22 -1.21
N LEU A 249 -8.62 1.27 -1.46
CA LEU A 249 -8.23 2.17 -0.36
C LEU A 249 -9.40 2.91 0.27
N PRO A 250 -10.37 3.49 -0.46
CA PRO A 250 -11.48 4.15 0.24
C PRO A 250 -12.29 3.22 1.11
N VAL A 251 -12.60 2.02 0.61
CA VAL A 251 -13.30 1.02 1.41
C VAL A 251 -12.46 0.63 2.62
N ALA A 252 -11.14 0.51 2.45
CA ALA A 252 -10.28 0.07 3.54
C ALA A 252 -10.20 1.12 4.64
N TYR A 253 -10.13 2.40 4.26
CA TYR A 253 -10.05 3.46 5.26
C TYR A 253 -11.38 3.71 5.94
N GLU A 254 -12.50 3.55 5.22
CA GLU A 254 -13.80 3.59 5.88
C GLU A 254 -13.97 2.40 6.83
N PHE A 255 -13.46 1.23 6.43
CA PHE A 255 -13.58 0.01 7.22
C PHE A 255 -12.73 0.08 8.48
N ASP A 256 -11.58 0.76 8.41
CA ASP A 256 -10.64 0.94 9.52
C ASP A 256 -10.29 -0.41 10.15
N PRO A 257 -9.50 -1.24 9.47
CA PRO A 257 -9.21 -2.57 10.01
C PRO A 257 -8.24 -2.51 11.17
N GLU A 258 -8.42 -3.45 12.10
CA GLU A 258 -7.48 -3.60 13.22
C GLU A 258 -6.27 -4.45 12.85
N LEU A 259 -6.29 -5.10 11.69
CA LEU A 259 -5.17 -5.91 11.23
C LEU A 259 -5.28 -6.14 9.72
N VAL A 260 -4.17 -6.00 9.00
CA VAL A 260 -4.15 -6.18 7.55
C VAL A 260 -3.29 -7.40 7.23
N ILE A 261 -3.86 -8.35 6.48
CA ILE A 261 -3.16 -9.53 6.03
C ILE A 261 -3.16 -9.52 4.50
N VAL A 262 -1.99 -9.75 3.91
CA VAL A 262 -1.83 -9.69 2.46
C VAL A 262 -1.52 -11.09 1.96
N SER A 263 -2.35 -11.56 1.04
CA SER A 263 -2.01 -12.74 0.23
C SER A 263 -1.08 -12.25 -0.88
N ALA A 264 0.22 -12.19 -0.56
CA ALA A 264 1.20 -11.63 -1.47
C ALA A 264 1.59 -12.68 -2.50
N GLY A 265 0.77 -12.79 -3.54
CA GLY A 265 1.09 -13.58 -4.70
C GLY A 265 1.65 -12.68 -5.79
N PHE A 266 2.88 -12.95 -6.20
CA PHE A 266 3.57 -12.10 -7.16
C PHE A 266 3.49 -12.65 -8.58
N ASP A 267 2.54 -13.55 -8.86
CA ASP A 267 2.25 -13.91 -10.23
C ASP A 267 1.48 -12.82 -10.97
N SER A 268 1.16 -11.73 -10.30
CA SER A 268 0.60 -10.54 -10.92
C SER A 268 1.66 -9.60 -11.46
N ALA A 269 2.92 -9.98 -11.37
CA ALA A 269 4.04 -9.14 -11.81
C ALA A 269 4.42 -9.48 -13.25
N ILE A 270 5.09 -8.52 -13.89
CA ILE A 270 5.53 -8.71 -15.27
C ILE A 270 6.48 -9.91 -15.36
N GLY A 271 6.41 -10.63 -16.47
CA GLY A 271 7.26 -11.77 -16.71
C GLY A 271 6.70 -13.10 -16.22
N ASP A 272 5.69 -13.08 -15.37
CA ASP A 272 5.16 -14.32 -14.84
C ASP A 272 4.40 -15.08 -15.93
N PRO A 273 4.67 -16.37 -16.12
CA PRO A 273 4.00 -17.11 -17.21
C PRO A 273 2.54 -17.42 -16.93
N GLU A 274 2.08 -17.29 -15.70
CA GLU A 274 0.72 -17.67 -15.32
C GLU A 274 -0.24 -16.49 -15.31
N GLY A 275 0.20 -15.31 -14.88
CA GLY A 275 -0.67 -14.16 -14.82
C GLY A 275 -0.68 -13.33 -16.08
N GLU A 276 0.50 -13.17 -16.70
CA GLU A 276 0.66 -12.43 -17.94
C GLU A 276 0.19 -10.99 -17.80
N MET A 277 0.65 -10.33 -16.73
CA MET A 277 0.43 -8.91 -16.53
C MET A 277 1.73 -8.15 -16.76
N CYS A 278 1.64 -6.83 -16.77
CA CYS A 278 2.80 -5.98 -17.09
C CYS A 278 3.19 -5.06 -15.94
N ALA A 279 2.87 -5.43 -14.71
CA ALA A 279 3.20 -4.60 -13.56
C ALA A 279 4.64 -4.84 -13.13
N LEU A 280 5.38 -3.75 -12.94
CA LEU A 280 6.76 -3.86 -12.50
C LEU A 280 6.81 -4.24 -11.02
N PRO A 281 7.88 -4.90 -10.59
CA PRO A 281 7.99 -5.25 -9.15
C PRO A 281 7.90 -4.05 -8.23
N GLU A 282 8.37 -2.87 -8.67
CA GLU A 282 8.34 -1.68 -7.84
C GLU A 282 6.93 -1.35 -7.37
N ILE A 283 5.91 -1.68 -8.17
CA ILE A 283 4.53 -1.37 -7.78
C ILE A 283 4.21 -2.04 -6.44
N PHE A 284 4.77 -3.22 -6.18
CA PHE A 284 4.48 -3.92 -4.94
C PHE A 284 5.03 -3.20 -3.73
N ALA A 285 6.05 -2.35 -3.91
CA ALA A 285 6.41 -1.42 -2.86
C ALA A 285 5.24 -0.51 -2.53
N HIS A 286 4.75 0.22 -3.55
CA HIS A 286 3.74 1.24 -3.32
C HIS A 286 2.45 0.63 -2.78
N LEU A 287 1.99 -0.46 -3.38
CA LEU A 287 0.89 -1.24 -2.81
C LEU A 287 1.09 -1.37 -1.31
N THR A 288 2.20 -2.01 -0.92
CA THR A 288 2.52 -2.17 0.50
C THR A 288 2.44 -0.83 1.21
N HIS A 289 3.14 0.18 0.69
CA HIS A 289 3.15 1.49 1.33
C HIS A 289 1.74 2.02 1.51
N LEU A 290 0.91 1.91 0.46
CA LEU A 290 -0.42 2.50 0.52
C LEU A 290 -1.29 1.85 1.58
N LEU A 291 -0.93 0.65 2.03
CA LEU A 291 -1.70 -0.04 3.07
C LEU A 291 -1.15 0.20 4.47
N MET A 292 0.08 0.72 4.59
CA MET A 292 0.74 0.76 5.89
C MET A 292 0.10 1.73 6.88
N PRO A 293 -0.50 2.85 6.47
CA PRO A 293 -1.26 3.67 7.43
C PRO A 293 -2.43 2.94 8.09
N LEU A 294 -2.87 1.81 7.55
CA LEU A 294 -3.98 1.07 8.12
C LEU A 294 -3.52 0.22 9.31
N ALA A 295 -4.43 0.04 10.26
CA ALA A 295 -4.21 -0.82 11.43
C ALA A 295 -2.93 -0.46 12.18
N ALA A 296 -2.60 0.84 12.22
CA ALA A 296 -1.39 1.32 12.90
C ALA A 296 -0.13 0.63 12.39
N GLY A 297 -0.14 0.27 11.11
CA GLY A 297 0.99 -0.41 10.49
C GLY A 297 1.03 -1.91 10.67
N LYS A 298 0.17 -2.47 11.51
CA LYS A 298 0.16 -3.90 11.77
C LYS A 298 -0.24 -4.68 10.52
N MET A 299 0.75 -5.10 9.74
CA MET A 299 0.52 -5.76 8.46
C MET A 299 1.26 -7.09 8.43
N CYS A 300 0.56 -8.13 7.97
CA CYS A 300 1.11 -9.48 7.85
C CYS A 300 1.08 -9.88 6.38
N VAL A 301 2.26 -9.97 5.77
CA VAL A 301 2.39 -10.26 4.35
C VAL A 301 2.79 -11.72 4.20
N VAL A 302 1.97 -12.51 3.52
CA VAL A 302 2.20 -13.94 3.36
C VAL A 302 2.35 -14.24 1.87
N LEU A 303 3.34 -15.06 1.55
CA LEU A 303 3.62 -15.40 0.16
C LEU A 303 2.55 -16.33 -0.39
N GLU A 304 2.16 -16.10 -1.65
CA GLU A 304 1.25 -16.99 -2.36
C GLU A 304 1.91 -17.46 -3.65
N GLY A 305 1.42 -16.98 -4.79
CA GLY A 305 1.96 -17.35 -6.08
C GLY A 305 3.17 -16.52 -6.46
N GLY A 306 3.55 -16.65 -7.73
CA GLY A 306 4.73 -16.00 -8.27
C GLY A 306 5.74 -17.01 -8.76
N TYR A 307 5.94 -17.09 -10.08
CA TYR A 307 6.66 -18.21 -10.67
C TYR A 307 7.77 -17.84 -11.64
N ASN A 308 7.89 -16.58 -12.04
CA ASN A 308 9.11 -16.11 -12.70
C ASN A 308 10.11 -15.75 -11.61
N LEU A 309 11.15 -16.58 -11.47
CA LEU A 309 12.04 -16.46 -10.31
C LEU A 309 12.66 -15.07 -10.21
N THR A 310 13.04 -14.48 -11.34
CA THR A 310 13.65 -13.16 -11.33
C THR A 310 12.68 -12.10 -10.80
N SER A 311 11.54 -11.95 -11.47
CA SER A 311 10.56 -10.96 -11.02
C SER A 311 10.05 -11.29 -9.63
N LEU A 312 10.00 -12.58 -9.27
CA LEU A 312 9.58 -12.96 -7.92
C LEU A 312 10.53 -12.38 -6.88
N GLY A 313 11.84 -12.62 -7.06
CA GLY A 313 12.81 -12.06 -6.15
C GLY A 313 12.75 -10.55 -6.08
N GLN A 314 12.63 -9.89 -7.24
CA GLN A 314 12.59 -8.43 -7.25
C GLN A 314 11.37 -7.90 -6.52
N SER A 315 10.20 -8.51 -6.73
CA SER A 315 8.97 -8.04 -6.09
C SER A 315 9.01 -8.29 -4.58
N VAL A 316 9.56 -9.44 -4.16
CA VAL A 316 9.72 -9.70 -2.74
C VAL A 316 10.64 -8.66 -2.11
N CYS A 317 11.73 -8.31 -2.80
CA CYS A 317 12.63 -7.28 -2.29
C CYS A 317 11.92 -5.94 -2.17
N GLN A 318 11.08 -5.59 -3.14
CA GLN A 318 10.34 -4.33 -3.07
C GLN A 318 9.39 -4.32 -1.88
N THR A 319 8.66 -5.42 -1.68
CA THR A 319 7.74 -5.52 -0.55
C THR A 319 8.48 -5.37 0.77
N VAL A 320 9.62 -6.07 0.92
CA VAL A 320 10.35 -5.99 2.18
C VAL A 320 10.99 -4.61 2.35
N HIS A 321 11.43 -3.98 1.26
CA HIS A 321 11.91 -2.61 1.32
C HIS A 321 10.85 -1.70 1.93
N SER A 322 9.61 -1.80 1.43
CA SER A 322 8.55 -0.95 1.97
C SER A 322 8.22 -1.30 3.41
N LEU A 323 8.23 -2.58 3.76
CA LEU A 323 7.93 -2.98 5.13
C LEU A 323 8.94 -2.41 6.13
N LEU A 324 10.18 -2.19 5.70
CA LEU A 324 11.22 -1.66 6.58
C LEU A 324 11.22 -0.13 6.63
N GLY A 325 10.44 0.54 5.79
CA GLY A 325 10.42 1.98 5.76
C GLY A 325 11.34 2.63 4.76
N ASP A 326 12.00 1.84 3.91
CA ASP A 326 12.90 2.41 2.92
C ASP A 326 12.13 3.22 1.89
N PRO A 327 12.74 4.26 1.33
CA PRO A 327 12.02 5.12 0.38
C PRO A 327 11.55 4.35 -0.84
N THR A 328 10.29 4.55 -1.20
CA THR A 328 9.72 3.88 -2.36
C THR A 328 10.28 4.48 -3.65
N PRO A 329 10.45 3.65 -4.69
CA PRO A 329 10.97 4.17 -5.96
C PRO A 329 9.89 4.91 -6.76
N ARG A 330 10.32 5.94 -7.47
CA ARG A 330 9.40 6.73 -8.28
C ARG A 330 8.87 5.92 -9.44
N ILE A 331 7.55 5.95 -9.63
CA ILE A 331 6.89 5.26 -10.73
C ILE A 331 6.58 6.29 -11.82
N SER A 332 7.16 6.09 -13.01
CA SER A 332 6.97 7.00 -14.12
C SER A 332 6.03 6.39 -15.16
N GLY A 333 5.61 7.22 -16.10
CA GLY A 333 4.74 6.78 -17.18
C GLY A 333 3.34 6.39 -16.77
N LEU A 334 2.92 6.70 -15.55
CA LEU A 334 1.58 6.36 -15.11
C LEU A 334 0.54 7.23 -15.83
N GLY A 335 -0.64 6.68 -16.02
CA GLY A 335 -1.70 7.36 -16.72
C GLY A 335 -3.02 6.68 -16.48
N THR A 336 -3.93 6.84 -17.43
CA THR A 336 -5.25 6.24 -17.31
C THR A 336 -5.18 4.72 -17.41
N ALA A 337 -6.01 4.04 -16.63
CA ALA A 337 -6.16 2.61 -16.77
C ALA A 337 -6.79 2.29 -18.13
N CYS A 338 -6.57 1.08 -18.60
CA CYS A 338 -7.14 0.67 -19.87
C CYS A 338 -8.67 0.55 -19.76
N ASP A 339 -9.32 0.47 -20.91
CA ASP A 339 -10.79 0.46 -20.94
C ASP A 339 -11.35 -0.73 -20.16
N SER A 340 -10.73 -1.90 -20.28
CA SER A 340 -11.24 -3.08 -19.58
C SER A 340 -11.11 -2.92 -18.07
N ALA A 341 -9.97 -2.41 -17.60
CA ALA A 341 -9.81 -2.15 -16.18
C ALA A 341 -10.82 -1.11 -15.70
N LEU A 342 -11.07 -0.08 -16.51
CA LEU A 342 -12.04 0.94 -16.12
C LEU A 342 -13.44 0.37 -16.05
N GLU A 343 -13.79 -0.54 -16.97
CA GLU A 343 -15.09 -1.20 -16.91
C GLU A 343 -15.22 -2.06 -15.65
N SER A 344 -14.17 -2.81 -15.31
CA SER A 344 -14.23 -3.63 -14.10
C SER A 344 -14.34 -2.78 -12.85
N ILE A 345 -13.56 -1.69 -12.78
CA ILE A 345 -13.63 -0.78 -11.64
C ILE A 345 -15.02 -0.16 -11.54
N GLN A 346 -15.57 0.28 -12.68
CA GLN A 346 -16.88 0.89 -12.69
C GLN A 346 -17.96 -0.08 -12.21
N ASN A 347 -17.91 -1.32 -12.70
CA ASN A 347 -18.91 -2.31 -12.30
C ASN A 347 -18.81 -2.63 -10.81
N VAL A 348 -17.58 -2.83 -10.30
CA VAL A 348 -17.46 -3.19 -8.89
C VAL A 348 -17.89 -2.01 -8.01
N ARG A 349 -17.54 -0.78 -8.40
CA ARG A 349 -17.98 0.39 -7.64
C ARG A 349 -19.50 0.49 -7.64
N ASN A 350 -20.12 0.28 -8.80
CA ASN A 350 -21.58 0.38 -8.88
C ASN A 350 -22.24 -0.65 -7.97
N VAL A 351 -21.79 -1.90 -8.03
CA VAL A 351 -22.45 -2.94 -7.24
C VAL A 351 -22.16 -2.76 -5.75
N GLN A 352 -20.99 -2.23 -5.39
CA GLN A 352 -20.66 -2.02 -3.98
C GLN A 352 -21.23 -0.73 -3.41
N SER A 353 -21.74 0.17 -4.27
CA SER A 353 -22.20 1.47 -3.78
C SER A 353 -23.34 1.33 -2.77
N SER A 354 -24.13 0.27 -2.85
CA SER A 354 -25.20 0.07 -1.88
C SER A 354 -24.67 -0.33 -0.51
N TYR A 355 -23.37 -0.57 -0.38
CA TYR A 355 -22.74 -0.89 0.90
C TYR A 355 -21.72 0.14 1.34
N TRP A 356 -21.04 0.80 0.39
CA TRP A 356 -20.09 1.86 0.69
C TRP A 356 -20.52 3.09 -0.10
N SER A 357 -21.08 4.08 0.59
CA SER A 357 -21.73 5.20 -0.08
C SER A 357 -20.78 6.05 -0.91
N SER A 358 -19.47 5.95 -0.65
CA SER A 358 -18.49 6.69 -1.44
C SER A 358 -18.53 6.32 -2.92
N PHE A 359 -19.15 5.18 -3.27
CA PHE A 359 -19.18 4.69 -4.64
C PHE A 359 -20.43 5.13 -5.41
N LYS A 360 -21.45 5.64 -4.72
CA LYS A 360 -22.68 6.04 -5.38
C LYS A 360 -22.41 7.17 -6.37
N HIS A 361 -23.23 7.23 -7.42
CA HIS A 361 -23.07 8.24 -8.47
C HIS A 361 -24.43 8.79 -8.87
N LEU A 362 -24.41 9.98 -9.46
CA LEU A 362 -25.61 10.64 -9.92
C LEU A 362 -25.96 10.21 -11.34
N ALA A 363 -27.25 10.21 -11.65
CA ALA A 363 -27.72 9.78 -12.96
C ALA A 363 -27.65 10.93 -13.97
N VAL A 413 20.90 10.05 8.10
CA VAL A 413 19.69 10.05 8.90
C VAL A 413 18.48 10.29 8.00
N ARG A 414 17.28 10.02 8.52
CA ARG A 414 16.08 10.11 7.69
C ARG A 414 15.54 11.54 7.64
N THR A 415 15.15 12.06 8.79
CA THR A 415 14.47 13.35 8.87
C THR A 415 15.33 14.35 9.63
N VAL A 416 15.33 15.60 9.16
CA VAL A 416 15.92 16.71 9.89
C VAL A 416 14.80 17.66 10.29
N VAL A 417 14.96 18.30 11.44
CA VAL A 417 13.94 19.16 12.01
C VAL A 417 14.59 20.48 12.42
N VAL A 418 13.99 21.59 11.99
CA VAL A 418 14.47 22.92 12.34
C VAL A 418 13.40 23.62 13.18
N PRO A 419 13.42 23.45 14.51
CA PRO A 419 12.44 24.13 15.37
C PRO A 419 12.75 25.62 15.48
N PRO A 420 11.90 26.41 16.14
CA PRO A 420 12.20 27.84 16.27
C PRO A 420 13.44 28.04 17.12
N PRO A 421 14.15 29.15 16.92
CA PRO A 421 15.37 29.40 17.69
C PRO A 421 15.08 29.45 19.19
N GLY A 422 15.72 28.56 19.93
CA GLY A 422 15.51 28.44 21.36
C GLY A 422 14.57 27.33 21.78
N VAL A 423 13.88 26.70 20.83
CA VAL A 423 12.96 25.61 21.12
C VAL A 423 13.69 24.29 20.89
N GLU A 424 13.66 23.42 21.90
CA GLU A 424 14.32 22.12 21.85
C GLU A 424 13.30 21.04 22.18
N LEU A 425 13.21 20.03 21.30
CA LEU A 425 12.26 18.94 21.46
C LEU A 425 13.00 17.61 21.50
N THR A 426 12.30 16.59 22.01
CA THR A 426 12.82 15.22 22.06
C THR A 426 12.37 14.52 20.78
N LEU A 427 13.22 14.59 19.76
CA LEU A 427 12.88 14.03 18.45
C LEU A 427 13.12 12.52 18.43
N PRO A 428 12.37 11.79 17.61
CA PRO A 428 12.59 10.34 17.49
C PRO A 428 14.01 10.00 17.07
N LYS A 429 14.37 8.73 17.29
CA LYS A 429 15.76 8.28 17.17
C LYS A 429 16.30 8.38 15.74
N ASN A 430 15.45 8.59 14.74
CA ASN A 430 15.93 8.75 13.37
C ASN A 430 15.74 10.18 12.90
N CYS A 431 16.19 11.15 13.69
CA CYS A 431 16.04 12.56 13.37
C CYS A 431 17.28 13.32 13.84
N GLN A 432 17.43 14.54 13.32
CA GLN A 432 18.54 15.41 13.69
C GLN A 432 18.11 16.86 13.47
N HIS A 433 18.93 17.78 13.97
CA HIS A 433 18.63 19.20 13.87
C HIS A 433 19.32 19.78 12.63
N SER A 434 19.58 21.08 12.63
CA SER A 434 20.14 21.78 11.47
C SER A 434 21.49 21.22 11.05
N ILE A 437 24.41 25.92 9.37
CA ILE A 437 24.28 26.57 8.07
C ILE A 437 25.65 26.95 7.52
N SER A 438 25.93 26.50 6.29
CA SER A 438 27.22 26.74 5.66
C SER A 438 27.39 28.21 5.31
N GLU A 439 28.63 28.56 4.96
CA GLU A 439 28.92 29.91 4.47
C GLU A 439 28.46 30.10 3.03
N SER A 440 28.52 29.04 2.22
CA SER A 440 27.94 29.11 0.88
C SER A 440 26.43 29.28 0.94
N THR A 441 25.79 28.62 1.91
CA THR A 441 24.37 28.86 2.15
C THR A 441 24.11 30.32 2.47
N ALA A 442 24.96 30.93 3.29
CA ALA A 442 24.78 32.34 3.64
C ALA A 442 25.02 33.24 2.43
N LYS A 443 25.96 32.87 1.56
CA LYS A 443 26.16 33.64 0.34
C LYS A 443 24.94 33.58 -0.57
N GLU A 444 24.36 32.38 -0.72
CA GLU A 444 23.13 32.25 -1.49
C GLU A 444 22.00 33.05 -0.88
N VAL A 445 21.90 33.05 0.45
CA VAL A 445 20.85 33.80 1.13
C VAL A 445 21.04 35.30 0.91
N GLN A 446 22.28 35.78 0.98
CA GLN A 446 22.55 37.19 0.76
C GLN A 446 22.23 37.59 -0.68
N ARG A 447 22.55 36.72 -1.65
CA ARG A 447 22.19 36.98 -3.03
C ARG A 447 20.68 37.07 -3.20
N ILE A 448 19.95 36.11 -2.62
CA ILE A 448 18.49 36.12 -2.70
C ILE A 448 17.93 37.39 -2.08
N ARG A 449 18.47 37.81 -0.94
CA ARG A 449 17.96 38.99 -0.26
C ARG A 449 18.23 40.26 -1.06
N ASP A 450 19.46 40.42 -1.55
CA ASP A 450 19.81 41.62 -2.29
C ASP A 450 19.17 41.67 -3.68
N LYS A 451 18.72 40.52 -4.20
CA LYS A 451 18.13 40.51 -5.54
C LYS A 451 16.62 40.42 -5.56
N HIS A 452 15.98 39.99 -4.46
CA HIS A 452 14.53 39.81 -4.47
C HIS A 452 13.82 40.35 -3.25
N PHE A 453 14.45 40.41 -2.08
CA PHE A 453 13.78 40.89 -0.88
C PHE A 453 14.46 42.15 -0.34
N THR A 457 14.80 42.25 6.98
CA THR A 457 15.97 42.60 7.77
C THR A 457 16.11 41.70 8.99
N ASP A 458 15.04 40.97 9.30
CA ASP A 458 15.04 40.08 10.46
C ASP A 458 16.06 38.97 10.28
N GLN A 459 16.90 38.78 11.30
CA GLN A 459 17.88 37.70 11.25
C GLN A 459 17.22 36.33 11.38
N ASN A 460 16.10 36.25 12.08
CA ASN A 460 15.43 34.96 12.27
C ASN A 460 14.86 34.43 10.97
N ILE A 461 14.28 35.30 10.15
CA ILE A 461 13.70 34.85 8.88
C ILE A 461 14.80 34.49 7.89
N LEU A 462 15.89 35.26 7.87
CA LEU A 462 17.04 34.89 7.05
C LEU A 462 17.62 33.55 7.50
N ARG A 463 17.63 33.30 8.81
CA ARG A 463 18.10 32.01 9.31
C ARG A 463 17.16 30.89 8.89
N SER A 464 15.85 31.15 8.90
CA SER A 464 14.90 30.15 8.43
C SER A 464 15.10 29.82 6.96
N LEU A 465 15.36 30.84 6.14
CA LEU A 465 15.64 30.61 4.73
C LEU A 465 16.93 29.83 4.54
N GLY A 466 17.97 30.16 5.31
CA GLY A 466 19.21 29.39 5.24
C GLY A 466 19.01 27.93 5.65
N ASN A 467 18.18 27.70 6.67
CA ASN A 467 17.88 26.33 7.07
C ASN A 467 17.12 25.59 5.97
N ILE A 468 16.16 26.27 5.33
CA ILE A 468 15.43 25.66 4.21
C ILE A 468 16.41 25.24 3.12
N ILE A 469 17.35 26.13 2.78
CA ILE A 469 18.30 25.84 1.72
C ILE A 469 19.21 24.67 2.10
N SER A 470 19.67 24.65 3.36
CA SER A 470 20.51 23.55 3.82
C SER A 470 19.77 22.22 3.77
N VAL A 471 18.52 22.20 4.21
CA VAL A 471 17.72 20.98 4.20
C VAL A 471 17.52 20.50 2.76
N LEU A 472 17.19 21.43 1.85
CA LEU A 472 16.99 21.05 0.46
C LEU A 472 18.27 20.47 -0.15
N ASP A 473 19.42 21.08 0.16
CA ASP A 473 20.69 20.56 -0.34
C ASP A 473 20.94 19.14 0.20
N ARG A 474 20.72 18.95 1.50
CA ARG A 474 20.95 17.63 2.09
C ARG A 474 19.95 16.59 1.63
N MET A 475 18.79 17.01 1.11
CA MET A 475 17.81 16.04 0.62
C MET A 475 18.09 15.66 -0.83
N MET A 476 18.30 16.65 -1.69
CA MET A 476 18.43 16.42 -3.13
C MET A 476 19.87 16.10 -3.51
N ARG A 477 20.77 17.07 -3.32
CA ARG A 477 22.16 16.88 -3.73
C ARG A 477 22.82 15.75 -2.96
N SER A 478 22.54 15.65 -1.66
CA SER A 478 23.13 14.63 -0.82
C SER A 478 22.13 13.51 -0.56
N ASP A 479 22.63 12.28 -0.50
CA ASP A 479 21.86 11.14 -0.06
C ASP A 479 21.87 10.97 1.45
N GLU A 480 22.22 12.03 2.18
CA GLU A 480 22.30 11.95 3.64
C GLU A 480 20.92 11.95 4.27
N VAL A 481 20.16 13.03 4.11
CA VAL A 481 18.84 13.16 4.68
C VAL A 481 17.81 12.76 3.62
N CYS A 482 16.62 12.39 4.10
CA CYS A 482 15.51 11.98 3.24
C CYS A 482 14.43 13.03 3.14
N ASN A 483 13.93 13.52 4.28
CA ASN A 483 12.91 14.55 4.31
C ASN A 483 13.19 15.49 5.47
N GLY A 484 12.40 16.56 5.57
CA GLY A 484 12.63 17.56 6.60
C GLY A 484 11.41 18.41 6.86
N CYS A 485 11.40 19.03 8.05
CA CYS A 485 10.34 19.95 8.45
C CYS A 485 10.97 21.19 9.06
N VAL A 486 10.56 22.35 8.58
CA VAL A 486 11.03 23.63 9.07
C VAL A 486 9.81 24.46 9.48
N VAL A 487 9.79 24.90 10.72
CA VAL A 487 8.82 25.89 11.18
C VAL A 487 9.39 27.27 10.87
N VAL A 488 8.54 28.15 10.38
CA VAL A 488 9.00 29.37 9.71
C VAL A 488 7.94 30.45 9.89
N SER A 489 8.39 31.70 9.89
CA SER A 489 7.52 32.85 9.72
C SER A 489 7.81 33.48 8.37
N ASP A 490 6.87 34.31 7.90
CA ASP A 490 6.88 34.83 6.54
C ASP A 490 6.76 33.69 5.54
N LEU A 491 5.52 33.26 5.28
CA LEU A 491 5.31 32.16 4.34
C LEU A 491 5.73 32.55 2.94
N SER A 492 5.39 33.76 2.50
CA SER A 492 5.68 34.20 1.16
C SER A 492 7.16 34.04 0.81
N VAL A 493 8.04 34.65 1.60
CA VAL A 493 9.47 34.59 1.33
C VAL A 493 9.97 33.15 1.45
N SER A 494 9.50 32.43 2.47
CA SER A 494 9.95 31.06 2.68
C SER A 494 9.55 30.17 1.51
N VAL A 495 8.29 30.26 1.08
CA VAL A 495 7.82 29.43 -0.02
C VAL A 495 8.55 29.79 -1.31
N GLN A 496 8.73 31.08 -1.57
CA GLN A 496 9.46 31.50 -2.76
C GLN A 496 10.87 30.91 -2.77
N CYS A 497 11.61 31.11 -1.68
CA CYS A 497 12.98 30.61 -1.60
C CYS A 497 13.02 29.08 -1.77
N ALA A 498 12.13 28.38 -1.05
CA ALA A 498 12.13 26.92 -1.09
C ALA A 498 11.85 26.40 -2.50
N LEU A 499 10.76 26.88 -3.11
CA LEU A 499 10.39 26.39 -4.44
C LEU A 499 11.46 26.72 -5.47
N GLN A 500 11.96 27.96 -5.46
CA GLN A 500 12.94 28.35 -6.47
C GLN A 500 14.26 27.60 -6.29
N HIS A 501 14.67 27.36 -5.05
CA HIS A 501 15.91 26.62 -4.84
C HIS A 501 15.74 25.14 -5.17
N ALA A 502 14.55 24.58 -4.92
CA ALA A 502 14.31 23.18 -5.26
C ALA A 502 14.29 22.99 -6.77
N LEU A 503 13.75 23.97 -7.51
CA LEU A 503 13.74 23.87 -8.97
C LEU A 503 15.15 23.88 -9.56
N THR A 504 16.15 24.37 -8.80
CA THR A 504 17.53 24.37 -9.24
C THR A 504 18.36 23.31 -8.54
N GLU A 505 17.72 22.45 -7.75
CA GLU A 505 18.46 21.39 -7.06
C GLU A 505 19.27 20.47 -7.96
N PRO A 506 18.75 19.99 -9.12
CA PRO A 506 17.45 20.25 -9.76
C PRO A 506 16.33 19.32 -9.31
N ALA A 507 15.10 19.78 -9.47
CA ALA A 507 13.91 18.95 -9.31
C ALA A 507 13.04 19.20 -10.54
N GLU A 508 12.94 18.19 -11.41
CA GLU A 508 12.21 18.35 -12.66
C GLU A 508 10.76 18.76 -12.42
N ARG A 509 10.19 18.34 -11.29
CA ARG A 509 8.79 18.63 -10.98
C ARG A 509 8.63 18.72 -9.47
N VAL A 510 7.74 19.62 -9.03
CA VAL A 510 7.51 19.85 -7.61
C VAL A 510 6.02 19.81 -7.35
N LEU A 511 5.60 19.03 -6.35
CA LEU A 511 4.22 18.95 -5.90
C LEU A 511 4.08 19.76 -4.62
N VAL A 512 3.43 20.91 -4.71
CA VAL A 512 3.18 21.77 -3.56
C VAL A 512 1.83 21.40 -2.98
N VAL A 513 1.75 21.26 -1.66
CA VAL A 513 0.51 20.95 -0.95
C VAL A 513 0.35 21.96 0.16
N TYR A 514 -0.65 22.83 0.05
CA TYR A 514 -0.81 23.98 0.93
C TYR A 514 -2.16 23.89 1.66
N VAL A 515 -2.11 23.83 2.98
CA VAL A 515 -3.29 23.87 3.83
C VAL A 515 -3.43 25.30 4.32
N GLY A 516 -4.31 26.05 3.67
CA GLY A 516 -4.53 27.44 3.99
C GLY A 516 -5.26 28.12 2.87
N ASP A 517 -5.53 29.41 3.08
CA ASP A 517 -6.28 30.23 2.14
C ASP A 517 -5.36 31.24 1.46
N GLY A 518 -5.90 31.91 0.45
CA GLY A 518 -5.17 32.93 -0.27
C GLY A 518 -4.20 32.34 -1.29
N GLU A 519 -3.62 33.23 -2.08
CA GLU A 519 -2.66 32.84 -3.09
C GLU A 519 -1.25 32.83 -2.52
N LEU A 520 -0.41 31.96 -3.07
CA LEU A 520 0.97 31.79 -2.66
C LEU A 520 1.91 32.12 -3.82
N PRO A 521 3.16 32.53 -3.53
CA PRO A 521 4.10 32.85 -4.61
C PRO A 521 4.55 31.62 -5.39
N VAL A 522 3.64 31.00 -6.13
CA VAL A 522 3.95 29.84 -6.95
C VAL A 522 3.17 29.95 -8.25
N LYS A 523 3.84 29.66 -9.37
CA LYS A 523 3.24 29.76 -10.70
C LYS A 523 2.97 28.35 -11.22
N THR A 524 1.71 28.10 -11.56
CA THR A 524 1.29 26.82 -12.14
C THR A 524 1.18 26.88 -13.65
N ASN A 525 1.82 27.87 -14.29
CA ASN A 525 1.70 28.04 -15.73
C ASN A 525 2.45 26.93 -16.47
N ASP A 526 3.75 26.85 -16.27
CA ASP A 526 4.56 25.82 -16.93
C ASP A 526 4.19 24.45 -16.37
N GLY A 527 4.83 23.41 -16.92
CA GLY A 527 4.51 22.05 -16.53
C GLY A 527 5.46 21.48 -15.49
N LYS A 528 6.00 22.33 -14.62
CA LYS A 528 7.00 21.90 -13.64
C LYS A 528 6.51 21.94 -12.20
N VAL A 529 5.34 22.53 -11.93
CA VAL A 529 4.81 22.66 -10.58
C VAL A 529 3.34 22.30 -10.60
N PHE A 530 2.91 21.44 -9.67
CA PHE A 530 1.50 21.18 -9.45
C PHE A 530 1.14 21.56 -8.02
N LEU A 531 0.02 22.26 -7.86
CA LEU A 531 -0.39 22.81 -6.56
C LEU A 531 -1.72 22.20 -6.13
N VAL A 532 -1.70 21.45 -5.04
CA VAL A 532 -2.89 21.05 -4.30
C VAL A 532 -3.06 22.04 -3.15
N GLN A 533 -4.23 22.66 -3.05
CA GLN A 533 -4.53 23.58 -1.97
C GLN A 533 -5.80 23.13 -1.29
N ILE A 534 -5.72 22.88 0.02
CA ILE A 534 -6.89 22.61 0.85
C ILE A 534 -7.21 23.89 1.61
N CYS A 535 -8.39 24.46 1.38
CA CYS A 535 -8.72 25.78 1.88
C CYS A 535 -10.13 25.77 2.45
N THR A 536 -10.60 26.95 2.85
CA THR A 536 -11.95 27.13 3.35
C THR A 536 -12.83 27.96 2.43
N LYS A 537 -12.25 28.76 1.55
CA LYS A 537 -13.00 29.58 0.61
C LYS A 537 -13.14 28.87 -0.73
N GLU A 538 -14.06 29.38 -1.55
CA GLU A 538 -14.34 28.78 -2.84
C GLU A 538 -13.43 29.39 -3.91
N THR A 539 -13.15 28.61 -4.94
CA THR A 539 -12.35 29.06 -6.08
C THR A 539 -12.74 28.25 -7.29
N GLU A 540 -12.97 28.93 -8.42
CA GLU A 540 -13.42 28.23 -9.62
C GLU A 540 -12.40 27.21 -10.10
N ASP A 541 -11.12 27.42 -9.78
CA ASP A 541 -10.05 26.50 -10.14
C ASP A 541 -9.97 26.31 -11.65
N LYS A 542 -9.28 27.22 -12.33
CA LYS A 542 -9.23 27.20 -13.79
C LYS A 542 -8.02 26.44 -14.34
N CYS A 543 -6.84 26.69 -13.78
CA CYS A 543 -5.62 26.06 -14.27
C CYS A 543 -5.66 24.56 -14.04
N VAL A 544 -5.29 23.81 -15.07
CA VAL A 544 -5.38 22.35 -15.05
C VAL A 544 -4.23 21.78 -14.24
N ASN A 545 -3.34 22.66 -13.77
CA ASN A 545 -2.22 22.29 -12.93
C ASN A 545 -2.44 22.64 -11.46
N ARG A 546 -3.70 22.84 -11.05
CA ARG A 546 -4.01 23.16 -9.66
C ARG A 546 -5.28 22.43 -9.26
N LEU A 547 -5.37 22.10 -7.96
CA LEU A 547 -6.52 21.43 -7.39
C LEU A 547 -6.89 22.16 -6.09
N THR A 548 -7.96 22.97 -6.17
CA THR A 548 -8.48 23.67 -5.00
C THR A 548 -9.54 22.81 -4.34
N LEU A 549 -9.50 22.76 -3.00
CA LEU A 549 -10.41 21.93 -2.21
C LEU A 549 -10.88 22.75 -1.01
N CYS A 550 -12.17 23.06 -0.98
CA CYS A 550 -12.75 23.81 0.13
C CYS A 550 -13.53 22.90 1.06
N GLU A 553 -16.26 23.20 7.44
CA GLU A 553 -16.04 22.82 8.83
C GLU A 553 -17.14 21.90 9.33
N GLY A 554 -16.81 21.04 10.28
CA GLY A 554 -17.75 20.12 10.86
C GLY A 554 -17.10 18.78 11.15
N GLU A 555 -17.93 17.82 11.54
CA GLU A 555 -17.43 16.48 11.87
C GLU A 555 -17.17 15.66 10.61
N SER A 556 -17.94 15.87 9.54
CA SER A 556 -17.72 15.16 8.29
C SER A 556 -16.43 15.59 7.60
N LEU A 557 -15.83 16.71 8.01
CA LEU A 557 -14.63 17.25 7.38
C LEU A 557 -13.57 16.17 7.18
N THR A 558 -13.17 15.51 8.27
CA THR A 558 -12.15 14.47 8.17
C THR A 558 -12.56 13.41 7.16
N ALA A 559 -13.82 12.94 7.25
CA ALA A 559 -14.29 11.91 6.34
C ALA A 559 -14.23 12.37 4.89
N GLY A 560 -14.40 13.67 4.65
CA GLY A 560 -14.24 14.18 3.30
C GLY A 560 -12.78 14.15 2.87
N PHE A 561 -11.88 14.62 3.75
CA PHE A 561 -10.49 14.82 3.36
C PHE A 561 -9.87 13.53 2.85
N MET A 562 -9.93 12.47 3.67
CA MET A 562 -9.45 11.16 3.24
C MET A 562 -10.00 10.79 1.88
N GLN A 563 -11.31 10.98 1.69
CA GLN A 563 -11.91 10.74 0.38
C GLN A 563 -11.17 11.51 -0.70
N ALA A 564 -11.11 12.84 -0.55
CA ALA A 564 -10.40 13.66 -1.52
C ALA A 564 -8.93 13.27 -1.60
N LEU A 565 -8.38 12.71 -0.51
CA LEU A 565 -6.99 12.29 -0.56
C LEU A 565 -6.82 11.04 -1.41
N LEU A 566 -7.77 10.11 -1.34
CA LEU A 566 -7.61 8.84 -2.02
C LEU A 566 -8.14 8.87 -3.45
N GLY A 567 -9.22 9.61 -3.69
CA GLY A 567 -9.83 9.62 -5.01
C GLY A 567 -9.30 10.70 -5.93
N LEU A 568 -8.64 11.72 -5.38
CA LEU A 568 -8.22 12.86 -6.19
C LEU A 568 -6.73 13.16 -6.02
N ILE A 569 -6.30 13.42 -4.78
CA ILE A 569 -4.94 13.91 -4.54
C ILE A 569 -3.91 12.87 -4.98
N LEU A 570 -4.02 11.65 -4.44
CA LEU A 570 -3.03 10.63 -4.74
C LEU A 570 -2.96 10.24 -6.21
N PRO A 571 -4.08 10.09 -6.95
CA PRO A 571 -3.94 9.78 -8.38
C PRO A 571 -3.20 10.85 -9.16
N VAL A 572 -3.55 12.12 -8.96
CA VAL A 572 -2.87 13.19 -9.67
C VAL A 572 -1.40 13.27 -9.27
N ALA A 573 -1.11 13.08 -7.98
CA ALA A 573 0.27 13.11 -7.52
C ALA A 573 1.08 11.98 -8.15
N TYR A 574 0.52 10.78 -8.21
CA TYR A 574 1.24 9.63 -8.77
C TYR A 574 1.47 9.80 -10.26
N GLU A 575 0.46 10.28 -10.99
CA GLU A 575 0.67 10.52 -12.42
C GLU A 575 1.67 11.64 -12.65
N PHE A 576 1.66 12.66 -11.78
CA PHE A 576 2.57 13.80 -11.91
C PHE A 576 4.01 13.40 -11.67
N ASN A 577 4.24 12.44 -10.76
CA ASN A 577 5.57 11.92 -10.45
C ASN A 577 6.54 13.04 -10.09
N PRO A 578 6.36 13.71 -8.97
CA PRO A 578 7.25 14.83 -8.61
C PRO A 578 8.59 14.33 -8.10
N ALA A 579 9.59 15.21 -8.24
CA ALA A 579 10.90 15.00 -7.65
C ALA A 579 10.97 15.49 -6.21
N LEU A 580 10.01 16.30 -5.77
CA LEU A 580 9.97 16.81 -4.42
C LEU A 580 8.55 17.24 -4.07
N VAL A 581 8.14 16.95 -2.83
CA VAL A 581 6.88 17.41 -2.29
C VAL A 581 7.18 18.53 -1.30
N LEU A 582 6.51 19.66 -1.45
CA LEU A 582 6.67 20.82 -0.58
C LEU A 582 5.36 21.05 0.16
N GLY A 583 5.37 20.76 1.47
CA GLY A 583 4.19 20.94 2.29
C GLY A 583 4.22 22.29 3.00
N ILE A 584 3.05 22.94 3.03
CA ILE A 584 2.88 24.24 3.68
C ILE A 584 1.59 24.20 4.48
N VAL A 585 1.64 24.66 5.73
CA VAL A 585 0.46 24.70 6.60
C VAL A 585 0.42 26.07 7.26
N GLU A 586 -0.62 26.84 6.96
CA GLU A 586 -0.71 28.21 7.44
C GLU A 586 -1.59 28.30 8.68
N GLU A 587 -1.11 29.06 9.68
CA GLU A 587 -1.92 29.43 10.84
C GLU A 587 -1.18 30.45 11.69
N ARG A 593 -8.54 21.38 12.49
CA ARG A 593 -8.98 20.01 12.24
C ARG A 593 -7.97 19.26 11.37
N LEU A 594 -6.94 19.98 10.91
CA LEU A 594 -5.85 19.32 10.18
C LEU A 594 -5.17 18.27 11.04
N MET A 595 -5.15 18.48 12.36
CA MET A 595 -4.56 17.53 13.29
C MET A 595 -5.10 16.12 13.08
N ARG A 596 -6.34 16.00 12.63
CA ARG A 596 -6.95 14.68 12.46
C ARG A 596 -6.39 13.95 11.25
N VAL A 597 -6.02 14.66 10.19
CA VAL A 597 -5.76 14.01 8.92
C VAL A 597 -4.30 14.14 8.49
N TRP A 598 -3.65 15.24 8.88
CA TRP A 598 -2.35 15.60 8.35
C TRP A 598 -1.38 14.42 8.36
N GLY A 599 -1.32 13.70 9.48
CA GLY A 599 -0.50 12.52 9.60
C GLY A 599 -0.61 11.60 8.41
N HIS A 600 -1.81 11.05 8.18
CA HIS A 600 -2.03 10.20 7.01
C HIS A 600 -1.56 10.92 5.74
N MET A 601 -2.01 12.17 5.57
CA MET A 601 -1.63 12.95 4.39
C MET A 601 -0.13 12.93 4.19
N THR A 602 0.65 13.07 5.27
CA THR A 602 2.10 13.01 5.13
C THR A 602 2.54 11.63 4.69
N CYS A 603 2.16 10.60 5.43
CA CYS A 603 2.69 9.26 5.17
C CYS A 603 2.42 8.82 3.73
N LEU A 604 1.15 8.87 3.32
CA LEU A 604 0.80 8.48 1.96
C LEU A 604 1.54 9.33 0.93
N ILE A 605 1.71 10.63 1.21
CA ILE A 605 2.35 11.49 0.21
C ILE A 605 3.83 11.19 0.08
N GLN A 606 4.41 10.43 1.02
CA GLN A 606 5.79 9.99 0.88
C GLN A 606 5.94 8.91 -0.18
N GLY A 607 4.84 8.38 -0.72
CA GLY A 607 4.95 7.50 -1.86
C GLY A 607 5.54 8.16 -3.09
N LEU A 608 5.55 9.50 -3.12
CA LEU A 608 6.11 10.26 -4.22
C LEU A 608 7.52 10.73 -3.88
N ALA A 609 8.33 10.92 -4.93
CA ALA A 609 9.61 11.63 -4.84
C ALA A 609 10.61 10.89 -3.95
N ARG A 610 10.46 9.57 -3.83
CA ARG A 610 11.32 8.75 -2.96
C ARG A 610 11.31 9.26 -1.52
N GLY A 611 10.17 9.77 -1.06
CA GLY A 611 10.06 10.30 0.28
C GLY A 611 10.65 11.68 0.48
N ARG A 612 11.28 12.26 -0.54
CA ARG A 612 11.83 13.60 -0.42
C ARG A 612 10.73 14.63 -0.23
N MET A 613 10.44 14.98 1.02
CA MET A 613 9.42 15.97 1.33
C MET A 613 10.00 17.02 2.27
N LEU A 614 9.68 18.28 2.00
CA LEU A 614 10.03 19.39 2.88
C LEU A 614 8.74 20.07 3.31
N THR A 615 8.44 20.01 4.60
CA THR A 615 7.25 20.65 5.15
C THR A 615 7.63 22.00 5.74
N LEU A 616 6.82 23.02 5.45
CA LEU A 616 6.99 24.35 6.01
C LEU A 616 5.77 24.64 6.89
N LEU A 617 6.01 24.90 8.17
CA LEU A 617 4.94 25.13 9.14
C LEU A 617 4.99 26.58 9.60
N GLN A 618 3.97 27.36 9.22
CA GLN A 618 3.88 28.75 9.63
C GLN A 618 3.23 28.81 11.01
N GLY A 619 4.02 29.18 12.02
CA GLY A 619 3.51 29.24 13.38
C GLY A 619 3.84 27.99 14.18
N TYR A 620 4.16 28.16 15.45
CA TYR A 620 4.56 27.04 16.29
C TYR A 620 3.33 26.40 16.92
N ASP A 621 3.16 25.10 16.66
CA ASP A 621 2.17 24.27 17.35
C ASP A 621 2.87 22.95 17.67
N LYS A 622 3.23 22.76 18.94
CA LYS A 622 4.01 21.58 19.33
C LYS A 622 3.34 20.28 18.87
N ASP A 623 2.01 20.23 18.93
CA ASP A 623 1.29 19.03 18.50
C ASP A 623 1.47 18.80 17.00
N LEU A 624 1.28 19.86 16.20
CA LEU A 624 1.41 19.73 14.76
C LEU A 624 2.84 19.39 14.36
N LEU A 625 3.82 20.06 14.98
CA LEU A 625 5.22 19.77 14.69
C LEU A 625 5.57 18.33 15.05
N GLU A 626 5.13 17.87 16.22
CA GLU A 626 5.41 16.50 16.63
C GLU A 626 4.79 15.50 15.67
N LEU A 627 3.54 15.72 15.27
CA LEU A 627 2.87 14.81 14.35
C LEU A 627 3.56 14.80 12.99
N THR A 628 3.95 15.97 12.49
CA THR A 628 4.63 16.06 11.21
C THR A 628 5.95 15.30 11.24
N VAL A 629 6.76 15.53 12.27
CA VAL A 629 8.05 14.85 12.35
C VAL A 629 7.86 13.34 12.52
N SER A 630 6.87 12.94 13.32
CA SER A 630 6.62 11.52 13.53
C SER A 630 6.22 10.82 12.23
N ALA A 631 5.35 11.47 11.44
CA ALA A 631 4.94 10.87 10.17
C ALA A 631 6.07 10.87 9.16
N LEU A 632 6.86 11.96 9.12
CA LEU A 632 7.96 12.03 8.16
C LEU A 632 9.07 11.06 8.50
N SER A 633 9.32 10.84 9.80
CA SER A 633 10.37 9.93 10.22
C SER A 633 10.01 8.46 10.02
N GLY A 634 8.75 8.16 9.71
CA GLY A 634 8.34 6.81 9.44
C GLY A 634 7.67 6.08 10.59
N ALA A 635 7.29 6.78 11.66
CA ALA A 635 6.57 6.14 12.75
C ALA A 635 5.18 5.72 12.28
N SER A 636 4.61 4.74 13.00
CA SER A 636 3.28 4.27 12.67
C SER A 636 2.25 5.35 12.93
N ILE A 637 1.14 5.29 12.18
CA ILE A 637 0.09 6.30 12.23
C ILE A 637 -1.08 5.75 13.03
N SER A 638 -1.59 6.56 13.96
CA SER A 638 -2.77 6.16 14.72
C SER A 638 -3.99 6.15 13.81
N PRO A 639 -4.83 5.12 13.90
CA PRO A 639 -5.98 5.03 13.00
C PRO A 639 -6.97 6.16 13.22
N LEU A 640 -7.66 6.52 12.14
CA LEU A 640 -8.68 7.56 12.20
C LEU A 640 -9.98 7.06 12.82
N GLY A 641 -10.18 5.76 12.89
CA GLY A 641 -11.46 5.20 13.28
C GLY A 641 -12.36 5.08 12.06
N PRO A 642 -13.46 4.33 12.19
CA PRO A 642 -14.42 4.11 11.10
C PRO A 642 -15.01 5.40 10.53
N ALA A 645 -18.63 8.91 6.44
CA ALA A 645 -19.70 9.47 5.61
C ALA A 645 -19.48 10.96 5.37
N PRO A 646 -19.13 11.31 4.13
CA PRO A 646 -18.87 12.72 3.80
C PRO A 646 -20.15 13.48 3.48
N LYS A 647 -20.04 14.80 3.52
CA LYS A 647 -21.17 15.66 3.23
C LYS A 647 -21.53 15.59 1.74
N PRO A 648 -22.82 15.70 1.40
CA PRO A 648 -23.22 15.64 -0.01
C PRO A 648 -22.62 16.76 -0.85
N GLU A 649 -22.57 17.98 -0.32
CA GLU A 649 -21.90 19.06 -1.04
C GLU A 649 -20.43 18.74 -1.27
N ASP A 650 -19.79 18.08 -0.29
CA ASP A 650 -18.38 17.75 -0.40
C ASP A 650 -18.14 16.75 -1.53
N VAL A 651 -18.95 15.69 -1.60
CA VAL A 651 -18.75 14.70 -2.66
C VAL A 651 -19.14 15.28 -4.02
N GLU A 652 -20.14 16.17 -4.06
CA GLU A 652 -20.47 16.84 -5.31
C GLU A 652 -19.31 17.68 -5.80
N MET A 653 -18.66 18.42 -4.90
CA MET A 653 -17.52 19.24 -5.27
C MET A 653 -16.34 18.37 -5.70
N MET A 654 -16.12 17.26 -5.01
CA MET A 654 -15.06 16.33 -5.40
C MET A 654 -15.29 15.78 -6.80
N GLU A 655 -16.55 15.42 -7.12
CA GLU A 655 -16.84 14.90 -8.44
C GLU A 655 -16.70 15.98 -9.51
N LYS A 656 -17.06 17.23 -9.18
CA LYS A 656 -16.81 18.32 -10.12
C LYS A 656 -15.32 18.44 -10.41
N GLN A 657 -14.49 18.40 -9.37
CA GLN A 657 -13.05 18.46 -9.56
C GLN A 657 -12.55 17.31 -10.43
N ARG A 658 -13.05 16.09 -10.18
CA ARG A 658 -12.60 14.94 -10.94
C ARG A 658 -12.99 15.08 -12.42
N GLN A 659 -14.27 15.37 -12.69
CA GLN A 659 -14.71 15.56 -14.07
C GLN A 659 -13.96 16.71 -14.74
N ARG A 660 -13.47 17.66 -13.96
CA ARG A 660 -12.72 18.78 -14.53
C ARG A 660 -11.30 18.36 -14.89
N LEU A 661 -10.67 17.50 -14.09
CA LEU A 661 -9.25 17.20 -14.24
C LEU A 661 -8.95 15.87 -14.91
N GLN A 662 -9.92 14.95 -15.02
CA GLN A 662 -9.61 13.60 -15.45
C GLN A 662 -9.16 13.53 -16.91
N GLU A 663 -9.50 14.53 -17.73
CA GLU A 663 -9.03 14.51 -19.12
C GLU A 663 -7.51 14.66 -19.18
N ARG A 664 -6.96 15.55 -18.36
CA ARG A 664 -5.51 15.73 -18.33
C ARG A 664 -4.82 14.65 -17.49
N TRP A 665 -5.43 14.28 -16.38
CA TRP A 665 -4.85 13.32 -15.42
C TRP A 665 -5.68 12.04 -15.47
N GLY A 666 -5.30 11.14 -16.38
CA GLY A 666 -6.09 9.95 -16.64
C GLY A 666 -6.24 9.01 -15.46
N LEU A 667 -5.32 9.08 -14.48
CA LEU A 667 -5.41 8.21 -13.31
C LEU A 667 -6.60 8.56 -12.42
N LEU A 668 -7.25 9.70 -12.66
CA LEU A 668 -8.48 10.05 -11.94
C LEU A 668 -9.69 9.29 -12.42
N ARG A 669 -9.62 8.63 -13.58
CA ARG A 669 -10.78 7.99 -14.15
C ARG A 669 -11.14 6.73 -13.38
N CYS A 670 -12.42 6.60 -13.02
CA CYS A 670 -12.96 5.35 -12.48
C CYS A 670 -14.20 4.90 -13.24
N THR A 671 -14.41 5.45 -14.44
CA THR A 671 -15.44 5.00 -15.35
C THR A 671 -14.88 5.00 -16.77
N VAL A 672 -15.52 4.24 -17.65
CA VAL A 672 -15.12 4.21 -19.05
C VAL A 672 -15.53 5.52 -19.71
N SER A 673 -14.57 6.14 -20.40
CA SER A 673 -14.83 7.42 -21.03
C SER A 673 -15.83 7.30 -22.17
N GLU A 674 -16.76 8.25 -22.24
CA GLU A 674 -17.75 8.27 -23.30
C GLU A 674 -17.16 8.89 -24.57
N SER A 675 -17.42 8.25 -25.70
CA SER A 675 -16.88 8.70 -26.98
C SER A 675 -17.85 9.66 -27.65
N TRP A 676 -17.33 10.78 -28.16
CA TRP A 676 -18.12 11.74 -28.90
C TRP A 676 -18.79 11.05 -30.08
#